data_4F0M
#
_entry.id   4F0M
#
_cell.length_a   136.325
_cell.length_b   136.325
_cell.length_c   121.524
_cell.angle_alpha   90.00
_cell.angle_beta   90.00
_cell.angle_gamma   90.00
#
_symmetry.space_group_name_H-M   'I 4 2 2'
#
loop_
_entity.id
_entity.type
_entity.pdbx_description
1 polymer 'Ribulose bisphosphate carboxylase large chain'
2 polymer 'Ribulose bisphosphate carboxylase small chain'
3 non-polymer 'MAGNESIUM ION'
4 non-polymer GLYCEROL
5 non-polymer 'CHLORIDE ION'
6 water water
#
loop_
_entity_poly.entity_id
_entity_poly.type
_entity_poly.pdbx_seq_one_letter_code
_entity_poly.pdbx_strand_id
1 'polypeptide(L)'
;MSQSLEEKSVQERTRIKNSRYESGVIPYAKMGYWNPDYQVKDTDVLALFRVTPQPGVDPIEAAAAVAGESSTATWTVVWT
DLLTAADLYRAKAYKVDQVPNNPEQYFAYIAYELDLFEEGSIANLTASIIGNVFGFKAVKALRLEDMRLPFAYIKTFQGP
ATGVILERERLDKFGRPLLG(SNC)TTKPKLGLSGKNYGRVVYEALKGGLDFVKDDENINSQPFMRWRERYLFVMEAVNK
AAAATGEVKGHYLNVTAATMEEMYARAQLAKELGSVIIMIDLVIGYTAIQTMAKWARDNDMILHLHRAGNSTYSRQKNHG
MNFRVICKWMRMAGVDHIHAGTVVGKLEGDPIITRGFYKTLLLPKLERNLQEGLFFDMDWASLRKVMPVASGGIHAGQMH
QLIHYLGEDVVLQFGGGTIGHPDGIQSGATANRVALEAMILARNENRDFLTEGPEILREAAKN(SNC)GALRTALDLWKD
ITFNYTSTDTSDFVETPTANI
;
A
2 'polypeptide(L)'
;MRITQGTFSFLPDLTDEQIKKQIDYMISKKLAIGIEYTNDIHPRNSFWEMWGLPLFEVTDPAPVLFEINACRKAKSNFYI
KVVGFSSERGIESTIISFIVNRPKHEPGFNLIRQEDKSRSIKYSIQAYETYKPEDQRY
;
B
#
loop_
_chem_comp.id
_chem_comp.type
_chem_comp.name
_chem_comp.formula
CL non-polymer 'CHLORIDE ION' 'Cl -1'
GOL non-polymer GLYCEROL 'C3 H8 O3'
MG non-polymer 'MAGNESIUM ION' 'Mg 2'
#
# COMPACT_ATOMS: atom_id res chain seq x y z
N PRO A 27 -31.46 35.26 0.85
CA PRO A 27 -31.13 34.67 2.15
C PRO A 27 -30.82 33.15 2.08
N TYR A 28 -29.73 32.71 2.72
CA TYR A 28 -29.32 31.28 2.76
C TYR A 28 -29.59 30.57 4.09
N ALA A 29 -29.33 31.28 5.19
CA ALA A 29 -29.64 30.78 6.51
C ALA A 29 -31.17 30.63 6.70
N LYS A 30 -31.94 31.53 6.08
CA LYS A 30 -33.44 31.52 6.13
C LYS A 30 -34.18 30.64 5.07
N MET A 31 -33.41 30.05 4.14
CA MET A 31 -33.94 29.24 3.02
C MET A 31 -33.99 27.70 3.28
N GLY A 32 -33.52 27.29 4.47
CA GLY A 32 -33.53 25.88 4.88
C GLY A 32 -32.14 25.31 5.11
N TYR A 33 -31.15 25.92 4.45
CA TYR A 33 -29.79 25.38 4.29
C TYR A 33 -28.98 25.38 5.56
N TRP A 34 -29.28 26.30 6.46
CA TRP A 34 -28.70 26.25 7.77
C TRP A 34 -29.71 25.61 8.74
N ASN A 35 -29.37 24.45 9.30
CA ASN A 35 -30.20 23.84 10.32
C ASN A 35 -29.40 23.37 11.54
N PRO A 36 -29.28 24.24 12.56
CA PRO A 36 -28.45 23.87 13.70
C PRO A 36 -29.02 22.66 14.42
N ASP A 37 -30.32 22.43 14.27
CA ASP A 37 -30.96 21.35 15.01
C ASP A 37 -31.01 19.99 14.26
N TYR A 38 -30.54 19.96 13.01
CA TYR A 38 -30.51 18.73 12.22
C TYR A 38 -29.87 17.55 12.99
N GLN A 39 -30.50 16.39 12.92
CA GLN A 39 -29.92 15.16 13.49
C GLN A 39 -29.34 14.27 12.33
N VAL A 40 -28.02 14.04 12.32
CA VAL A 40 -27.46 13.14 11.32
C VAL A 40 -27.93 11.71 11.48
N LYS A 41 -28.23 11.10 10.34
CA LYS A 41 -28.61 9.68 10.17
C LYS A 41 -27.43 8.86 9.72
N ASP A 42 -27.52 7.57 9.96
CA ASP A 42 -26.50 6.61 9.64
C ASP A 42 -26.32 6.45 8.14
N THR A 43 -27.31 6.90 7.39
CA THR A 43 -27.30 6.84 5.94
C THR A 43 -26.76 8.16 5.34
N ASP A 44 -26.62 9.25 6.11
CA ASP A 44 -26.15 10.50 5.50
C ASP A 44 -24.68 10.44 5.05
N VAL A 45 -24.43 11.05 3.91
CA VAL A 45 -23.05 11.42 3.51
C VAL A 45 -22.72 12.82 4.17
N LEU A 46 -21.64 12.89 4.94
CA LEU A 46 -21.27 14.11 5.62
C LEU A 46 -19.95 14.61 5.04
N ALA A 47 -19.80 15.94 4.95
CA ALA A 47 -18.54 16.56 4.52
C ALA A 47 -18.15 17.63 5.58
N LEU A 48 -16.85 17.77 5.81
CA LEU A 48 -16.27 18.82 6.63
C LEU A 48 -15.42 19.69 5.71
N PHE A 49 -15.90 20.92 5.50
CA PHE A 49 -15.15 21.95 4.79
C PHE A 49 -14.44 22.95 5.75
N ARG A 50 -13.22 23.33 5.43
CA ARG A 50 -12.54 24.45 6.07
C ARG A 50 -12.95 25.65 5.23
N VAL A 51 -13.85 26.47 5.78
CA VAL A 51 -14.42 27.67 5.12
C VAL A 51 -13.78 29.01 5.56
N THR A 52 -13.36 29.82 4.60
CA THR A 52 -12.89 31.17 4.92
C THR A 52 -13.88 32.19 4.35
N PRO A 53 -14.75 32.75 5.21
CA PRO A 53 -15.79 33.65 4.74
C PRO A 53 -15.27 35.00 4.20
N GLN A 54 -15.97 35.52 3.20
CA GLN A 54 -15.75 36.86 2.68
C GLN A 54 -15.53 37.81 3.84
N PRO A 55 -14.51 38.71 3.72
CA PRO A 55 -14.34 39.77 4.74
C PRO A 55 -15.69 40.45 5.12
N GLY A 56 -16.04 40.38 6.40
CA GLY A 56 -17.37 40.80 6.87
C GLY A 56 -18.52 40.00 6.26
N VAL A 57 -18.49 38.68 6.46
CA VAL A 57 -19.65 37.76 6.28
C VAL A 57 -19.71 36.77 7.45
N ASP A 58 -20.91 36.34 7.81
CA ASP A 58 -21.13 35.49 9.00
C ASP A 58 -20.84 34.01 8.69
N PRO A 59 -20.05 33.31 9.55
CA PRO A 59 -19.80 31.86 9.49
C PRO A 59 -21.04 30.98 9.21
N ILE A 60 -22.14 31.24 9.91
CA ILE A 60 -23.45 30.60 9.64
C ILE A 60 -23.94 30.82 8.19
N GLU A 61 -23.89 32.05 7.70
CA GLU A 61 -24.27 32.34 6.30
C GLU A 61 -23.29 31.72 5.29
N ALA A 62 -22.01 31.71 5.66
CA ALA A 62 -20.95 31.09 4.85
C ALA A 62 -21.17 29.58 4.64
N ALA A 63 -21.37 28.86 5.77
CA ALA A 63 -21.71 27.43 5.77
C ALA A 63 -22.96 27.17 4.94
N ALA A 64 -24.05 27.84 5.30
CA ALA A 64 -25.29 27.83 4.53
C ALA A 64 -25.07 27.98 3.00
N ALA A 65 -24.23 28.92 2.58
CA ALA A 65 -23.93 29.17 1.15
C ALA A 65 -23.33 27.93 0.45
N VAL A 66 -22.27 27.39 1.06
CA VAL A 66 -21.62 26.11 0.70
C VAL A 66 -22.60 24.93 0.59
N ALA A 67 -23.45 24.76 1.60
CA ALA A 67 -24.54 23.78 1.60
C ALA A 67 -25.53 24.00 0.47
N GLY A 68 -25.98 25.24 0.29
CA GLY A 68 -27.01 25.63 -0.68
C GLY A 68 -26.54 25.64 -2.12
N GLU A 69 -25.23 25.76 -2.29
CA GLU A 69 -24.59 25.69 -3.61
C GLU A 69 -24.39 24.23 -4.04
N SER A 70 -23.85 23.37 -3.13
CA SER A 70 -23.69 21.91 -3.41
C SER A 70 -25.00 21.08 -3.38
N SER A 71 -26.14 21.79 -3.39
CA SER A 71 -27.46 21.18 -3.53
C SER A 71 -28.37 22.09 -4.38
N THR A 72 -29.59 22.36 -3.91
CA THR A 72 -30.63 23.03 -4.71
C THR A 72 -30.42 24.55 -4.91
N ALA A 73 -29.72 24.93 -6.00
CA ALA A 73 -29.37 26.35 -6.29
C ALA A 73 -30.57 27.33 -6.33
N THR A 74 -30.74 28.11 -5.26
CA THR A 74 -31.90 29.02 -5.15
C THR A 74 -31.75 30.33 -5.94
N TRP A 75 -32.05 30.25 -7.24
CA TRP A 75 -32.45 31.40 -8.05
C TRP A 75 -33.94 31.62 -7.72
N THR A 76 -34.22 32.75 -7.05
CA THR A 76 -35.41 32.93 -6.17
C THR A 76 -36.83 32.70 -6.81
N VAL A 77 -37.61 31.78 -6.20
CA VAL A 77 -38.95 31.32 -6.68
C VAL A 77 -38.89 30.32 -7.88
N VAL A 78 -39.25 29.06 -7.61
CA VAL A 78 -39.25 27.97 -8.61
C VAL A 78 -40.41 26.98 -8.30
N TRP A 79 -41.54 27.14 -8.98
CA TRP A 79 -42.75 26.29 -8.76
C TRP A 79 -42.50 24.79 -8.88
N THR A 80 -41.57 24.42 -9.75
CA THR A 80 -41.29 23.02 -10.06
C THR A 80 -40.73 22.20 -8.86
N ASP A 81 -40.07 22.86 -7.90
CA ASP A 81 -39.70 22.27 -6.59
C ASP A 81 -40.87 21.59 -5.87
N LEU A 82 -42.08 22.13 -6.02
CA LEU A 82 -43.21 21.63 -5.27
C LEU A 82 -43.81 20.34 -5.86
N LEU A 83 -43.17 19.85 -6.92
CA LEU A 83 -43.49 18.60 -7.61
C LEU A 83 -42.64 17.41 -7.10
N THR A 84 -41.82 17.69 -6.09
CA THR A 84 -40.77 16.81 -5.62
C THR A 84 -40.77 16.93 -4.11
N ALA A 85 -40.11 15.99 -3.41
CA ALA A 85 -39.97 16.11 -1.97
C ALA A 85 -38.77 17.05 -1.70
N ALA A 86 -38.94 18.34 -2.01
CA ALA A 86 -37.84 19.33 -2.06
C ALA A 86 -36.76 19.26 -0.95
N ASP A 87 -37.22 19.21 0.30
CA ASP A 87 -36.37 19.15 1.48
C ASP A 87 -35.26 18.09 1.45
N LEU A 88 -35.63 16.90 0.96
CA LEU A 88 -34.76 15.72 0.81
C LEU A 88 -33.46 16.02 0.03
N TYR A 89 -33.60 16.82 -1.02
CA TYR A 89 -32.50 17.15 -1.92
C TYR A 89 -31.61 18.28 -1.49
N ARG A 90 -31.99 18.98 -0.43
CA ARG A 90 -31.23 20.10 0.10
C ARG A 90 -30.19 19.58 1.08
N ALA A 91 -28.91 19.94 0.86
CA ALA A 91 -27.83 19.69 1.83
C ALA A 91 -28.04 20.56 3.10
N LYS A 92 -27.71 20.03 4.27
CA LYS A 92 -27.89 20.76 5.49
C LYS A 92 -26.53 21.10 6.13
N ALA A 93 -26.25 22.39 6.22
CA ALA A 93 -25.23 22.87 7.15
C ALA A 93 -25.78 22.71 8.56
N TYR A 94 -25.14 21.89 9.37
CA TYR A 94 -25.68 21.62 10.67
C TYR A 94 -24.75 21.96 11.85
N LYS A 95 -23.48 22.25 11.59
CA LYS A 95 -22.55 22.52 12.68
C LYS A 95 -21.49 23.41 12.09
N VAL A 96 -21.12 24.47 12.84
CA VAL A 96 -19.98 25.34 12.50
C VAL A 96 -19.07 25.50 13.74
N ASP A 97 -17.76 25.20 13.62
CA ASP A 97 -16.76 25.52 14.68
C ASP A 97 -15.64 26.43 14.16
N GLN A 98 -15.18 27.36 14.99
CA GLN A 98 -14.02 28.18 14.63
C GLN A 98 -12.78 27.29 14.57
N VAL A 99 -11.97 27.44 13.52
CA VAL A 99 -10.75 26.68 13.43
C VAL A 99 -9.91 27.09 14.64
N PRO A 100 -9.51 26.12 15.47
CA PRO A 100 -8.73 26.49 16.65
C PRO A 100 -7.33 26.88 16.22
N ASN A 101 -7.00 28.17 16.41
CA ASN A 101 -5.72 28.81 16.02
C ASN A 101 -5.80 29.63 14.76
N ASN A 102 -7.03 29.97 14.39
CA ASN A 102 -7.27 30.72 13.17
C ASN A 102 -8.64 31.40 13.16
N PRO A 103 -8.71 32.64 13.69
CA PRO A 103 -9.93 33.44 13.91
C PRO A 103 -10.85 33.62 12.70
N GLU A 104 -10.28 33.49 11.52
CA GLU A 104 -10.96 33.84 10.26
C GLU A 104 -11.49 32.63 9.45
N GLN A 105 -11.19 31.42 9.92
CA GLN A 105 -11.51 30.17 9.23
C GLN A 105 -12.46 29.37 10.10
N TYR A 106 -13.36 28.63 9.46
CA TYR A 106 -14.37 27.85 10.16
C TYR A 106 -14.45 26.45 9.59
N PHE A 107 -14.78 25.49 10.44
CA PHE A 107 -15.12 24.15 10.03
C PHE A 107 -16.64 24.04 9.89
N ALA A 108 -17.11 23.90 8.66
CA ALA A 108 -18.52 23.65 8.40
C ALA A 108 -18.83 22.18 8.02
N TYR A 109 -19.74 21.58 8.79
CA TYR A 109 -20.18 20.22 8.66
C TYR A 109 -21.46 20.23 7.89
N ILE A 110 -21.52 19.47 6.79
CA ILE A 110 -22.69 19.46 5.89
C ILE A 110 -23.19 18.04 5.68
N ALA A 111 -24.51 17.86 5.74
CA ALA A 111 -25.15 16.58 5.52
C ALA A 111 -25.87 16.53 4.17
N TYR A 112 -25.74 15.37 3.49
CA TYR A 112 -26.35 15.09 2.20
C TYR A 112 -27.11 13.79 2.32
N GLU A 113 -28.38 13.76 1.89
CA GLU A 113 -29.12 12.49 1.81
C GLU A 113 -28.48 11.46 0.89
N LEU A 114 -28.48 10.20 1.32
CA LEU A 114 -27.93 9.11 0.54
C LEU A 114 -28.54 8.99 -0.89
N ASP A 115 -29.82 9.37 -1.07
CA ASP A 115 -30.50 9.17 -2.36
C ASP A 115 -30.08 10.10 -3.49
N LEU A 116 -29.36 11.17 -3.15
CA LEU A 116 -28.65 12.05 -4.08
C LEU A 116 -27.54 11.40 -4.90
N PHE A 117 -26.98 10.28 -4.40
CA PHE A 117 -25.73 9.71 -4.93
C PHE A 117 -25.97 8.45 -5.75
N GLU A 118 -25.38 8.39 -6.95
CA GLU A 118 -25.30 7.13 -7.69
C GLU A 118 -24.42 6.08 -6.94
N GLU A 119 -24.99 4.89 -6.75
CA GLU A 119 -24.28 3.79 -6.12
C GLU A 119 -23.03 3.50 -6.90
N GLY A 120 -21.92 3.31 -6.23
CA GLY A 120 -20.70 2.80 -6.88
C GLY A 120 -19.91 3.77 -7.75
N SER A 121 -20.31 5.05 -7.73
CA SER A 121 -19.77 6.06 -8.67
C SER A 121 -18.98 7.13 -7.95
N ILE A 122 -17.66 7.09 -8.07
CA ILE A 122 -16.84 8.21 -7.57
C ILE A 122 -17.06 9.53 -8.33
N ALA A 123 -17.20 9.48 -9.66
CA ALA A 123 -17.51 10.69 -10.41
C ALA A 123 -18.74 11.40 -9.81
N ASN A 124 -19.79 10.63 -9.53
CA ASN A 124 -20.99 11.22 -9.03
C ASN A 124 -20.80 11.81 -7.64
N LEU A 125 -20.11 11.09 -6.76
CA LEU A 125 -19.79 11.60 -5.44
C LEU A 125 -19.00 12.92 -5.51
N THR A 126 -17.93 12.96 -6.31
CA THR A 126 -17.08 14.11 -6.35
C THR A 126 -17.82 15.24 -7.06
N ALA A 127 -18.52 14.95 -8.14
CA ALA A 127 -19.33 15.96 -8.82
C ALA A 127 -20.30 16.59 -7.82
N SER A 128 -21.05 15.75 -7.09
CA SER A 128 -22.04 16.23 -6.13
C SER A 128 -21.43 17.17 -5.08
N ILE A 129 -20.37 16.76 -4.41
CA ILE A 129 -19.81 17.47 -3.25
C ILE A 129 -18.95 18.70 -3.58
N ILE A 130 -17.81 18.50 -4.24
CA ILE A 130 -16.91 19.61 -4.53
C ILE A 130 -17.24 20.44 -5.78
N GLY A 131 -18.27 20.06 -6.53
CA GLY A 131 -18.61 20.78 -7.76
C GLY A 131 -19.60 21.92 -7.52
N ASN A 132 -20.83 21.52 -7.19
CA ASN A 132 -21.94 22.43 -6.91
C ASN A 132 -21.58 23.50 -5.86
N VAL A 133 -20.68 23.15 -4.92
CA VAL A 133 -20.25 23.99 -3.78
C VAL A 133 -19.56 25.35 -4.12
N PHE A 134 -20.39 26.38 -4.34
CA PHE A 134 -19.91 27.74 -4.71
C PHE A 134 -19.92 28.67 -3.49
N GLY A 135 -19.95 29.99 -3.71
CA GLY A 135 -20.11 30.98 -2.63
C GLY A 135 -19.52 32.37 -2.84
N PHE A 136 -19.25 32.71 -4.10
CA PHE A 136 -18.77 34.04 -4.56
C PHE A 136 -18.95 35.21 -3.57
N LYS A 137 -20.20 35.47 -3.14
CA LYS A 137 -20.52 36.61 -2.26
C LYS A 137 -20.32 36.40 -0.75
N ALA A 138 -20.45 35.17 -0.26
CA ALA A 138 -20.24 34.89 1.18
C ALA A 138 -18.90 34.25 1.55
N VAL A 139 -18.30 33.53 0.60
CA VAL A 139 -17.14 32.67 0.87
C VAL A 139 -15.91 33.03 0.04
N LYS A 140 -14.79 33.29 0.73
CA LYS A 140 -13.52 33.66 0.11
C LYS A 140 -12.64 32.45 -0.31
N ALA A 141 -12.57 31.44 0.56
CA ALA A 141 -11.82 30.22 0.26
C ALA A 141 -12.47 29.01 0.94
N LEU A 142 -12.29 27.83 0.34
CA LEU A 142 -12.91 26.58 0.78
C LEU A 142 -12.03 25.37 0.50
N ARG A 143 -11.72 24.59 1.53
CA ARG A 143 -11.04 23.31 1.35
C ARG A 143 -11.91 22.20 1.92
N LEU A 144 -12.09 21.11 1.19
CA LEU A 144 -12.68 19.91 1.78
C LEU A 144 -11.68 19.12 2.63
N GLU A 145 -11.99 18.94 3.91
CA GLU A 145 -11.06 18.28 4.83
C GLU A 145 -11.28 16.79 5.08
N ASP A 146 -12.54 16.35 5.06
CA ASP A 146 -12.86 14.96 5.42
C ASP A 146 -14.27 14.63 4.97
N MET A 147 -14.55 13.34 4.83
CA MET A 147 -15.89 12.88 4.46
C MET A 147 -16.24 11.73 5.37
N ARG A 148 -17.53 11.64 5.78
CA ARG A 148 -18.14 10.45 6.44
C ARG A 148 -19.08 9.81 5.43
N LEU A 149 -18.54 8.78 4.79
CA LEU A 149 -19.27 7.99 3.85
C LEU A 149 -20.04 6.99 4.69
N PRO A 150 -21.37 6.92 4.52
CA PRO A 150 -22.07 5.99 5.41
C PRO A 150 -21.89 4.52 4.94
N PHE A 151 -21.93 3.60 5.89
CA PHE A 151 -21.80 2.14 5.68
C PHE A 151 -22.53 1.62 4.46
N ALA A 152 -23.81 2.00 4.31
CA ALA A 152 -24.65 1.51 3.20
C ALA A 152 -24.17 2.02 1.83
N TYR A 153 -23.54 3.20 1.79
CA TYR A 153 -22.91 3.71 0.60
C TYR A 153 -21.61 3.01 0.24
N ILE A 154 -20.70 2.89 1.20
CA ILE A 154 -19.45 2.16 1.08
C ILE A 154 -19.71 0.73 0.61
N LYS A 155 -20.73 0.11 1.18
CA LYS A 155 -21.16 -1.23 0.77
C LYS A 155 -21.52 -1.32 -0.74
N THR A 156 -21.71 -0.17 -1.41
CA THR A 156 -21.96 -0.23 -2.87
C THR A 156 -20.68 -0.24 -3.75
N PHE A 157 -19.49 -0.12 -3.14
CA PHE A 157 -18.25 -0.11 -3.87
C PHE A 157 -17.46 -1.41 -3.68
N GLN A 158 -16.66 -1.74 -4.70
CA GLN A 158 -15.91 -2.94 -4.71
C GLN A 158 -14.84 -2.94 -3.60
N GLY A 159 -14.24 -1.80 -3.32
CA GLY A 159 -13.00 -1.77 -2.53
C GLY A 159 -11.83 -2.44 -3.25
N PRO A 160 -10.60 -2.45 -2.64
CA PRO A 160 -9.39 -2.96 -3.34
C PRO A 160 -9.57 -4.24 -4.11
N ALA A 161 -9.03 -4.25 -5.32
CA ALA A 161 -9.12 -5.41 -6.18
C ALA A 161 -8.55 -6.62 -5.44
N THR A 162 -7.41 -6.41 -4.78
CA THR A 162 -6.71 -7.51 -4.13
C THR A 162 -6.80 -7.32 -2.64
N GLY A 163 -6.20 -6.24 -2.19
CA GLY A 163 -6.11 -5.92 -0.80
C GLY A 163 -4.81 -6.49 -0.23
N VAL A 164 -4.43 -5.91 0.89
CA VAL A 164 -3.22 -6.27 1.60
C VAL A 164 -3.08 -7.76 1.93
N ILE A 165 -4.14 -8.38 2.44
CA ILE A 165 -4.05 -9.76 3.01
C ILE A 165 -3.85 -10.76 1.88
N LEU A 166 -4.69 -10.61 0.85
CA LEU A 166 -4.58 -11.38 -0.36
C LEU A 166 -3.27 -11.12 -1.14
N GLU A 167 -2.84 -9.86 -1.19
CA GLU A 167 -1.57 -9.55 -1.87
C GLU A 167 -0.40 -10.27 -1.17
N ARG A 168 -0.44 -10.31 0.15
CA ARG A 168 0.63 -11.02 0.86
C ARG A 168 0.58 -12.51 0.71
N GLU A 169 -0.63 -13.08 0.63
CA GLU A 169 -0.77 -14.50 0.33
C GLU A 169 -0.27 -14.85 -1.08
N ARG A 170 -0.51 -13.98 -2.06
CA ARG A 170 0.01 -14.20 -3.39
C ARG A 170 1.49 -14.05 -3.48
N LEU A 171 2.10 -13.19 -2.68
CA LEU A 171 3.54 -12.99 -2.74
C LEU A 171 4.29 -13.96 -1.80
N ASP A 172 3.55 -14.60 -0.89
CA ASP A 172 4.12 -15.38 0.22
C ASP A 172 5.10 -14.45 1.01
N LYS A 173 4.66 -13.22 1.31
CA LYS A 173 5.49 -12.29 2.06
C LYS A 173 4.79 -11.71 3.27
N PHE A 174 5.18 -12.15 4.45
CA PHE A 174 4.50 -11.77 5.72
C PHE A 174 5.41 -11.08 6.72
N GLY A 175 4.86 -10.14 7.49
CA GLY A 175 5.54 -9.60 8.66
C GLY A 175 6.60 -8.54 8.46
N ARG A 176 6.63 -7.93 7.29
CA ARG A 176 7.62 -6.89 7.02
C ARG A 176 7.02 -6.01 5.92
N PRO A 177 7.48 -4.76 5.86
CA PRO A 177 7.25 -3.97 4.64
C PRO A 177 7.86 -4.67 3.43
N LEU A 178 7.27 -4.31 2.28
CA LEU A 178 7.79 -4.67 0.98
C LEU A 178 8.75 -3.61 0.47
N LEU A 179 9.69 -4.02 -0.36
CA LEU A 179 10.66 -3.04 -0.91
C LEU A 179 10.55 -2.89 -2.41
N GLY A 180 10.64 -1.65 -2.88
CA GLY A 180 10.59 -1.34 -4.31
C GLY A 180 11.51 -0.17 -4.64
N SNC A 181 11.70 0.09 -5.92
CA SNC A 181 12.27 1.35 -6.42
CB SNC A 181 13.79 1.41 -6.35
SG SNC A 181 14.42 -0.12 -7.00
ND SNC A 181 15.09 0.15 -8.50
OE SNC A 181 14.61 -0.27 -9.57
C SNC A 181 11.87 1.55 -7.85
O SNC A 181 11.54 0.60 -8.55
N THR A 182 11.87 2.82 -8.28
CA THR A 182 11.74 3.13 -9.68
C THR A 182 13.06 2.93 -10.43
N THR A 183 12.95 2.39 -11.64
CA THR A 183 14.05 2.34 -12.62
C THR A 183 14.72 3.72 -12.81
N LYS A 184 16.06 3.74 -12.69
CA LYS A 184 16.87 4.93 -12.97
C LYS A 184 17.83 4.64 -14.16
N PRO A 185 17.87 5.58 -15.16
CA PRO A 185 17.03 6.77 -15.26
C PRO A 185 15.57 6.47 -15.53
N LYS A 186 14.69 7.35 -15.02
CA LYS A 186 13.27 7.40 -15.38
C LYS A 186 13.06 6.95 -16.84
N LEU A 187 13.83 7.56 -17.75
CA LEU A 187 13.59 7.42 -19.19
C LEU A 187 14.88 7.28 -20.03
N GLY A 188 14.73 6.69 -21.22
CA GLY A 188 15.82 6.67 -22.18
C GLY A 188 16.46 5.34 -22.44
N LEU A 189 16.39 4.43 -21.47
CA LEU A 189 16.92 3.08 -21.67
C LEU A 189 16.07 2.31 -22.73
N SER A 190 16.76 1.53 -23.57
CA SER A 190 16.09 0.65 -24.50
C SER A 190 15.39 -0.45 -23.73
N GLY A 191 14.46 -1.18 -24.34
CA GLY A 191 13.93 -2.40 -23.67
C GLY A 191 14.99 -3.29 -22.99
N LYS A 192 16.03 -3.64 -23.72
CA LYS A 192 16.98 -4.56 -23.17
C LYS A 192 17.74 -4.01 -21.98
N ASN A 193 18.21 -2.76 -22.05
CA ASN A 193 18.95 -2.15 -20.92
C ASN A 193 18.02 -1.82 -19.75
N TYR A 194 16.75 -1.58 -20.07
CA TYR A 194 15.72 -1.40 -19.06
C TYR A 194 15.50 -2.69 -18.28
N GLY A 195 15.27 -3.82 -18.98
CA GLY A 195 15.16 -5.12 -18.33
C GLY A 195 16.37 -5.38 -17.44
N ARG A 196 17.57 -4.98 -17.87
CA ARG A 196 18.84 -5.22 -17.08
C ARG A 196 18.71 -4.67 -15.67
N VAL A 197 18.32 -3.41 -15.55
CA VAL A 197 18.13 -2.77 -14.25
C VAL A 197 17.10 -3.51 -13.38
N VAL A 198 16.07 -4.02 -14.02
CA VAL A 198 14.93 -4.62 -13.34
C VAL A 198 15.42 -5.91 -12.75
N TYR A 199 16.12 -6.66 -13.58
CA TYR A 199 16.71 -7.90 -13.18
C TYR A 199 17.74 -7.76 -12.03
N GLU A 200 18.66 -6.80 -12.14
CA GLU A 200 19.67 -6.61 -11.08
C GLU A 200 19.07 -6.27 -9.73
N ALA A 201 18.14 -5.33 -9.78
CA ALA A 201 17.48 -4.82 -8.57
C ALA A 201 16.65 -5.90 -7.88
N LEU A 202 15.82 -6.58 -8.64
CA LEU A 202 15.05 -7.71 -8.11
C LEU A 202 15.92 -8.79 -7.56
N LYS A 203 16.94 -9.23 -8.29
CA LYS A 203 17.83 -10.26 -7.84
C LYS A 203 18.54 -9.85 -6.51
N GLY A 204 18.84 -8.56 -6.36
CA GLY A 204 19.60 -8.06 -5.23
C GLY A 204 18.81 -8.03 -3.92
N GLY A 205 17.49 -8.11 -3.99
CA GLY A 205 16.70 -8.06 -2.79
C GLY A 205 15.36 -7.40 -2.88
N LEU A 206 15.13 -6.54 -3.86
CA LEU A 206 13.88 -5.82 -3.87
C LEU A 206 12.70 -6.74 -4.19
N ASP A 207 11.52 -6.52 -3.61
CA ASP A 207 10.32 -7.28 -3.97
C ASP A 207 9.71 -6.82 -5.29
N PHE A 208 9.86 -5.53 -5.62
CA PHE A 208 9.21 -4.93 -6.77
C PHE A 208 10.17 -3.91 -7.35
N VAL A 209 10.08 -3.73 -8.67
CA VAL A 209 10.63 -2.61 -9.37
C VAL A 209 9.44 -1.96 -10.07
N LYS A 210 9.57 -0.69 -10.45
CA LYS A 210 8.46 0.01 -11.08
C LYS A 210 8.84 0.86 -12.25
N ASP A 211 7.92 0.94 -13.19
CA ASP A 211 7.92 1.97 -14.22
C ASP A 211 7.70 3.30 -13.54
N ASP A 212 8.36 4.31 -14.04
CA ASP A 212 8.03 5.66 -13.69
C ASP A 212 6.63 6.05 -14.22
N GLU A 213 5.97 6.96 -13.51
CA GLU A 213 4.69 7.42 -13.96
C GLU A 213 4.75 8.06 -15.37
N ASN A 214 5.90 8.64 -15.74
CA ASN A 214 6.10 9.22 -17.07
C ASN A 214 6.24 8.18 -18.22
N ILE A 215 6.62 6.96 -17.89
CA ILE A 215 6.95 5.98 -18.90
C ILE A 215 5.66 5.20 -19.21
N ASN A 216 5.15 5.48 -20.42
CA ASN A 216 3.95 4.93 -20.96
C ASN A 216 4.41 4.25 -22.28
N SER A 217 4.36 4.98 -23.38
CA SER A 217 4.86 4.54 -24.68
C SER A 217 5.31 5.80 -25.43
N GLN A 218 6.58 5.89 -25.77
CA GLN A 218 7.17 7.11 -26.33
C GLN A 218 8.17 6.75 -27.41
N PRO A 219 8.57 7.75 -28.19
CA PRO A 219 9.53 7.49 -29.25
C PRO A 219 10.81 6.84 -28.79
N PHE A 220 11.34 7.13 -27.60
CA PHE A 220 12.56 6.43 -27.17
C PHE A 220 12.33 4.94 -26.79
N MET A 221 11.06 4.54 -26.60
CA MET A 221 10.72 3.17 -26.16
C MET A 221 9.24 3.02 -26.17
N ARG A 222 8.77 2.08 -26.98
CA ARG A 222 7.33 1.76 -26.99
C ARG A 222 7.04 0.69 -25.97
N TRP A 223 5.77 0.55 -25.62
CA TRP A 223 5.42 -0.23 -24.44
C TRP A 223 5.61 -1.79 -24.57
N ARG A 224 5.41 -2.36 -25.77
CA ARG A 224 5.39 -3.84 -25.93
C ARG A 224 6.77 -4.40 -25.64
N GLU A 225 7.84 -3.75 -26.12
CA GLU A 225 9.19 -4.29 -25.87
C GLU A 225 9.63 -4.19 -24.43
N ARG A 226 9.21 -3.12 -23.79
CA ARG A 226 9.42 -2.96 -22.38
C ARG A 226 8.78 -4.15 -21.62
N TYR A 227 7.49 -4.39 -21.86
CA TYR A 227 6.79 -5.45 -21.18
C TYR A 227 7.44 -6.79 -21.41
N LEU A 228 7.76 -7.12 -22.68
CA LEU A 228 8.48 -8.35 -23.02
C LEU A 228 9.88 -8.57 -22.31
N PHE A 229 10.75 -7.56 -22.32
CA PHE A 229 12.02 -7.66 -21.60
C PHE A 229 11.86 -7.63 -20.09
N VAL A 230 10.95 -6.83 -19.57
CA VAL A 230 10.64 -6.86 -18.16
C VAL A 230 10.23 -8.30 -17.71
N MET A 231 9.40 -8.99 -18.48
CA MET A 231 8.97 -10.31 -18.01
C MET A 231 10.10 -11.32 -17.93
N GLU A 232 11.02 -11.18 -18.85
CA GLU A 232 12.20 -12.01 -18.85
C GLU A 232 12.99 -11.66 -17.59
N ALA A 233 13.09 -10.36 -17.23
CA ALA A 233 13.90 -9.98 -16.06
C ALA A 233 13.32 -10.56 -14.80
N VAL A 234 11.97 -10.55 -14.75
CA VAL A 234 11.20 -10.85 -13.55
C VAL A 234 11.27 -12.35 -13.27
N ASN A 235 11.14 -13.13 -14.32
CA ASN A 235 11.30 -14.57 -14.23
C ASN A 235 12.73 -15.03 -13.97
N LYS A 236 13.71 -14.35 -14.54
CA LYS A 236 15.09 -14.61 -14.19
C LYS A 236 15.37 -14.39 -12.71
N ALA A 237 14.89 -13.27 -12.16
CA ALA A 237 14.99 -12.90 -10.75
C ALA A 237 14.28 -13.89 -9.81
N ALA A 238 13.08 -14.39 -10.17
CA ALA A 238 12.41 -15.43 -9.38
C ALA A 238 13.23 -16.75 -9.36
N ALA A 239 13.76 -17.14 -10.50
CA ALA A 239 14.64 -18.35 -10.61
C ALA A 239 15.96 -18.20 -9.84
N ALA A 240 16.43 -16.97 -9.67
CA ALA A 240 17.69 -16.67 -8.94
C ALA A 240 17.50 -16.50 -7.43
N THR A 241 16.25 -16.39 -6.96
CA THR A 241 16.01 -16.10 -5.53
C THR A 241 15.05 -17.09 -4.82
N GLY A 242 14.26 -17.81 -5.61
CA GLY A 242 13.16 -18.59 -5.10
C GLY A 242 12.00 -17.78 -4.55
N GLU A 243 11.88 -16.48 -4.88
CA GLU A 243 10.76 -15.61 -4.42
C GLU A 243 9.83 -15.28 -5.58
N VAL A 244 8.62 -14.85 -5.26
CA VAL A 244 7.78 -14.15 -6.23
C VAL A 244 8.31 -12.71 -6.43
N LYS A 245 8.46 -12.32 -7.69
CA LYS A 245 8.97 -11.01 -8.02
C LYS A 245 7.92 -10.28 -8.89
N GLY A 246 7.99 -8.96 -8.88
CA GLY A 246 7.05 -8.18 -9.63
C GLY A 246 7.64 -6.89 -10.12
N HIS A 247 7.09 -6.41 -11.24
CA HIS A 247 7.46 -5.14 -11.81
C HIS A 247 6.17 -4.44 -12.16
N TYR A 248 6.00 -3.22 -11.65
CA TYR A 248 4.76 -2.50 -11.99
C TYR A 248 4.83 -2.02 -13.42
N LEU A 249 4.16 -2.71 -14.32
CA LEU A 249 4.10 -2.30 -15.72
C LEU A 249 3.06 -1.22 -15.78
N ASN A 250 3.43 -0.04 -16.28
CA ASN A 250 2.51 1.06 -16.41
C ASN A 250 1.58 0.91 -17.61
N VAL A 251 0.27 0.75 -17.34
CA VAL A 251 -0.72 0.60 -18.42
C VAL A 251 -1.41 1.94 -18.75
N THR A 252 -1.03 3.01 -18.05
CA THR A 252 -1.58 4.34 -18.33
C THR A 252 -1.54 4.65 -19.83
N ALA A 253 -2.68 5.08 -20.37
CA ALA A 253 -2.82 5.47 -21.76
C ALA A 253 -3.96 6.50 -21.99
N ALA A 254 -4.13 6.92 -23.23
CA ALA A 254 -4.94 8.08 -23.52
C ALA A 254 -6.42 7.73 -23.56
N THR A 255 -6.72 6.49 -23.97
CA THR A 255 -8.09 5.99 -24.10
C THR A 255 -8.20 4.67 -23.36
N MET A 256 -9.43 4.30 -23.04
CA MET A 256 -9.72 3.02 -22.33
C MET A 256 -9.33 1.77 -23.08
N GLU A 257 -9.55 1.77 -24.39
CA GLU A 257 -9.20 0.64 -25.21
C GLU A 257 -7.71 0.46 -25.18
N GLU A 258 -6.96 1.55 -25.21
CA GLU A 258 -5.53 1.44 -25.11
C GLU A 258 -5.01 0.93 -23.73
N MET A 259 -5.60 1.39 -22.65
CA MET A 259 -5.28 0.87 -21.33
C MET A 259 -5.56 -0.61 -21.23
N TYR A 260 -6.69 -1.04 -21.78
CA TYR A 260 -7.11 -2.45 -21.77
C TYR A 260 -6.13 -3.35 -22.50
N ALA A 261 -5.56 -2.85 -23.60
CA ALA A 261 -4.59 -3.55 -24.43
C ALA A 261 -3.31 -3.79 -23.72
N ARG A 262 -2.93 -2.81 -22.93
CA ARG A 262 -1.69 -2.85 -22.15
C ARG A 262 -1.90 -3.74 -20.94
N ALA A 263 -3.07 -3.62 -20.30
CA ALA A 263 -3.47 -4.49 -19.20
C ALA A 263 -3.55 -5.94 -19.63
N GLN A 264 -4.13 -6.18 -20.80
CA GLN A 264 -4.23 -7.53 -21.38
C GLN A 264 -2.88 -8.20 -21.73
N LEU A 265 -1.89 -7.44 -22.20
CA LEU A 265 -0.52 -8.02 -22.32
C LEU A 265 0.14 -8.30 -20.96
N ALA A 266 0.06 -7.39 -19.98
CA ALA A 266 0.59 -7.75 -18.63
C ALA A 266 0.04 -9.10 -18.13
N LYS A 267 -1.29 -9.22 -18.17
CA LYS A 267 -2.01 -10.47 -17.87
C LYS A 267 -1.47 -11.66 -18.64
N GLU A 268 -1.42 -11.54 -19.97
CA GLU A 268 -1.02 -12.63 -20.85
C GLU A 268 0.39 -13.13 -20.46
N LEU A 269 1.31 -12.20 -20.25
CA LEU A 269 2.70 -12.53 -19.90
C LEU A 269 2.90 -12.98 -18.46
N GLY A 270 1.85 -12.94 -17.64
CA GLY A 270 1.90 -13.44 -16.26
C GLY A 270 2.40 -12.46 -15.18
N SER A 271 2.32 -11.18 -15.46
CA SER A 271 2.68 -10.19 -14.46
C SER A 271 1.73 -10.27 -13.23
N VAL A 272 2.36 -10.17 -12.07
CA VAL A 272 1.68 -10.15 -10.78
C VAL A 272 1.04 -8.77 -10.46
N ILE A 273 1.48 -7.72 -11.16
CA ILE A 273 1.17 -6.37 -10.77
C ILE A 273 1.23 -5.45 -11.98
N ILE A 274 0.32 -4.49 -12.05
CA ILE A 274 0.43 -3.36 -12.97
C ILE A 274 0.27 -2.03 -12.21
N MET A 275 0.46 -0.89 -12.90
CA MET A 275 0.23 0.39 -12.32
C MET A 275 -0.54 1.31 -13.22
N ILE A 276 -1.18 2.28 -12.61
CA ILE A 276 -1.89 3.34 -13.34
C ILE A 276 -1.57 4.65 -12.65
N ASP A 277 -1.70 5.74 -13.40
CA ASP A 277 -1.48 7.07 -12.85
C ASP A 277 -2.81 7.67 -12.43
N LEU A 278 -2.88 8.30 -11.25
CA LEU A 278 -4.12 8.98 -10.83
C LEU A 278 -4.65 9.96 -11.89
N VAL A 279 -3.77 10.58 -12.70
CA VAL A 279 -4.23 11.49 -13.78
C VAL A 279 -5.14 10.88 -14.90
N ILE A 280 -5.22 9.55 -15.01
CA ILE A 280 -6.19 8.94 -15.92
C ILE A 280 -7.62 9.32 -15.50
N GLY A 281 -7.80 9.53 -14.18
CA GLY A 281 -9.06 10.04 -13.63
C GLY A 281 -10.02 8.96 -13.20
N TYR A 282 -11.02 9.38 -12.45
CA TYR A 282 -11.80 8.48 -11.62
C TYR A 282 -12.43 7.30 -12.36
N THR A 283 -13.10 7.56 -13.47
CA THR A 283 -13.80 6.54 -14.24
C THR A 283 -12.83 5.48 -14.83
N ALA A 284 -11.68 5.91 -15.35
CA ALA A 284 -10.73 4.93 -15.84
C ALA A 284 -10.19 4.12 -14.70
N ILE A 285 -10.00 4.73 -13.52
CA ILE A 285 -9.59 4.01 -12.28
C ILE A 285 -10.58 2.93 -11.86
N GLN A 286 -11.88 3.27 -11.70
CA GLN A 286 -12.93 2.28 -11.43
C GLN A 286 -12.97 1.17 -12.43
N THR A 287 -12.88 1.52 -13.72
CA THR A 287 -12.81 0.53 -14.81
C THR A 287 -11.60 -0.41 -14.63
N MET A 288 -10.45 0.16 -14.32
CA MET A 288 -9.27 -0.64 -14.05
C MET A 288 -9.31 -1.47 -12.78
N ALA A 289 -9.89 -0.91 -11.71
CA ALA A 289 -10.11 -1.65 -10.46
C ALA A 289 -11.00 -2.86 -10.68
N LYS A 290 -12.03 -2.72 -11.48
CA LYS A 290 -12.86 -3.87 -11.76
C LYS A 290 -12.11 -4.90 -12.63
N TRP A 291 -11.37 -4.44 -13.64
CA TRP A 291 -10.53 -5.32 -14.41
C TRP A 291 -9.51 -6.07 -13.51
N ALA A 292 -8.84 -5.38 -12.59
CA ALA A 292 -7.84 -6.06 -11.73
C ALA A 292 -8.46 -7.07 -10.80
N ARG A 293 -9.63 -6.77 -10.25
CA ARG A 293 -10.40 -7.79 -9.49
C ARG A 293 -10.72 -9.07 -10.33
N ASP A 294 -11.16 -8.86 -11.57
CA ASP A 294 -11.60 -9.92 -12.44
C ASP A 294 -10.46 -10.71 -13.06
N ASN A 295 -9.22 -10.26 -12.91
CA ASN A 295 -8.13 -10.88 -13.61
C ASN A 295 -6.96 -11.08 -12.67
N ASP A 296 -7.19 -11.04 -11.35
CA ASP A 296 -6.17 -11.48 -10.37
C ASP A 296 -4.88 -10.69 -10.45
N MET A 297 -5.00 -9.40 -10.62
CA MET A 297 -3.86 -8.54 -10.81
C MET A 297 -3.79 -7.51 -9.70
N ILE A 298 -2.61 -7.35 -9.09
CA ILE A 298 -2.44 -6.26 -8.15
C ILE A 298 -2.35 -4.95 -8.93
N LEU A 299 -3.05 -3.92 -8.43
CA LEU A 299 -3.23 -2.64 -9.09
C LEU A 299 -2.66 -1.47 -8.27
N HIS A 300 -1.48 -1.02 -8.63
CA HIS A 300 -0.83 0.08 -7.93
C HIS A 300 -1.25 1.39 -8.57
N LEU A 301 -1.69 2.35 -7.75
CA LEU A 301 -1.98 3.69 -8.21
C LEU A 301 -0.82 4.71 -7.93
N HIS A 302 -0.26 5.33 -8.98
CA HIS A 302 0.65 6.44 -8.77
C HIS A 302 -0.05 7.77 -8.57
N ARG A 303 0.28 8.44 -7.47
CA ARG A 303 -0.28 9.74 -7.11
C ARG A 303 0.89 10.55 -6.64
N ALA A 304 1.12 11.67 -7.32
CA ALA A 304 2.27 12.58 -7.06
C ALA A 304 2.25 13.15 -5.63
N GLY A 305 3.26 12.77 -4.82
CA GLY A 305 3.46 13.31 -3.47
C GLY A 305 3.63 14.84 -3.41
N ASN A 306 4.31 15.41 -4.42
CA ASN A 306 4.46 16.88 -4.62
C ASN A 306 3.95 17.33 -6.02
N SER A 307 2.65 17.10 -6.23
CA SER A 307 1.88 17.71 -7.31
C SER A 307 1.67 19.16 -6.88
N THR A 308 1.88 20.11 -7.82
CA THR A 308 1.58 21.56 -7.62
C THR A 308 0.38 21.80 -6.67
N TYR A 309 -0.60 20.89 -6.76
CA TYR A 309 -1.79 20.77 -5.90
C TYR A 309 -1.51 20.14 -4.51
N SER A 310 -0.37 20.51 -3.92
CA SER A 310 0.12 19.90 -2.67
C SER A 310 -0.13 20.79 -1.43
N ARG A 311 0.93 21.38 -0.88
CA ARG A 311 0.88 21.95 0.48
C ARG A 311 -0.05 23.18 0.68
N GLN A 312 -1.35 22.95 0.45
CA GLN A 312 -2.41 23.96 0.60
C GLN A 312 -3.03 23.89 2.00
N LYS A 313 -3.48 25.03 2.51
CA LYS A 313 -4.26 25.08 3.76
C LYS A 313 -5.61 25.74 3.48
N ASN A 314 -5.73 26.27 2.25
CA ASN A 314 -6.77 27.19 1.85
C ASN A 314 -7.84 26.66 0.96
N HIS A 315 -7.42 26.09 -0.17
CA HIS A 315 -8.35 25.60 -1.21
C HIS A 315 -8.12 24.11 -1.48
N GLY A 316 -8.90 23.55 -2.39
CA GLY A 316 -8.79 22.15 -2.74
C GLY A 316 -9.43 21.16 -1.78
N MET A 317 -8.84 19.97 -1.73
CA MET A 317 -9.26 18.93 -0.81
C MET A 317 -8.04 18.26 -0.21
N ASN A 318 -8.19 17.80 1.02
CA ASN A 318 -7.10 17.19 1.74
C ASN A 318 -6.92 15.79 1.21
N PHE A 319 -5.69 15.27 1.26
CA PHE A 319 -5.36 13.93 0.71
C PHE A 319 -6.12 12.75 1.35
N ARG A 320 -6.53 12.89 2.61
CA ARG A 320 -7.30 11.86 3.30
C ARG A 320 -8.62 11.54 2.58
N VAL A 321 -9.19 12.54 1.93
CA VAL A 321 -10.38 12.34 1.11
C VAL A 321 -10.08 11.52 -0.15
N ILE A 322 -8.95 11.80 -0.81
CA ILE A 322 -8.48 11.00 -1.93
C ILE A 322 -8.27 9.57 -1.48
N CYS A 323 -7.69 9.37 -0.29
CA CYS A 323 -7.46 8.04 0.27
C CYS A 323 -8.78 7.29 0.45
N LYS A 324 -9.82 7.95 0.93
CA LYS A 324 -11.08 7.30 1.08
C LYS A 324 -11.66 6.89 -0.25
N TRP A 325 -11.75 7.81 -1.20
CA TRP A 325 -12.28 7.51 -2.51
C TRP A 325 -11.50 6.42 -3.29
N MET A 326 -10.17 6.39 -3.15
CA MET A 326 -9.37 5.38 -3.87
C MET A 326 -9.45 3.99 -3.26
N ARG A 327 -9.57 3.93 -1.92
CA ARG A 327 -9.88 2.67 -1.27
C ARG A 327 -11.27 2.15 -1.72
N MET A 328 -12.26 3.04 -1.77
CA MET A 328 -13.56 2.69 -2.33
C MET A 328 -13.50 2.27 -3.83
N ALA A 329 -12.86 3.07 -4.68
CA ALA A 329 -12.69 2.74 -6.13
C ALA A 329 -12.12 1.36 -6.30
N GLY A 330 -11.14 1.02 -5.48
CA GLY A 330 -10.58 -0.29 -5.56
C GLY A 330 -9.13 -0.51 -5.94
N VAL A 331 -8.29 0.52 -5.88
CA VAL A 331 -6.82 0.32 -6.02
C VAL A 331 -6.17 -0.40 -4.82
N ASP A 332 -5.02 -1.02 -5.02
CA ASP A 332 -4.35 -1.92 -4.02
C ASP A 332 -3.15 -1.24 -3.30
N HIS A 333 -2.55 -0.21 -3.91
CA HIS A 333 -1.41 0.53 -3.37
C HIS A 333 -1.72 1.96 -3.68
N ILE A 334 -1.31 2.89 -2.83
CA ILE A 334 -1.31 4.30 -3.19
C ILE A 334 -0.19 4.94 -2.36
N HIS A 335 0.54 5.91 -2.92
CA HIS A 335 1.55 6.66 -2.13
C HIS A 335 0.89 7.56 -1.09
N ALA A 336 1.28 7.35 0.18
CA ALA A 336 0.63 7.94 1.33
C ALA A 336 1.55 8.89 2.09
N GLY A 337 2.83 8.88 1.76
CA GLY A 337 3.74 9.79 2.40
C GLY A 337 4.71 9.09 3.33
N THR A 338 5.82 9.78 3.60
CA THR A 338 6.65 9.46 4.75
C THR A 338 6.44 10.58 5.75
N VAL A 339 7.10 10.43 6.88
CA VAL A 339 7.18 11.48 7.86
C VAL A 339 8.53 12.17 7.65
N VAL A 340 9.56 11.35 7.42
CA VAL A 340 10.95 11.79 7.31
C VAL A 340 11.41 11.87 5.85
N GLY A 341 12.72 12.03 5.68
CA GLY A 341 13.32 12.00 4.33
C GLY A 341 13.24 13.34 3.63
N LYS A 342 12.73 13.34 2.40
CA LYS A 342 12.56 14.62 1.64
C LYS A 342 11.18 15.28 1.87
N LEU A 343 10.10 14.50 1.81
CA LEU A 343 8.75 14.97 2.18
C LEU A 343 8.61 15.29 3.69
N GLU A 344 8.42 16.58 3.97
CA GLU A 344 8.38 17.13 5.33
C GLU A 344 6.96 17.06 5.95
N GLY A 345 6.44 15.83 6.12
CA GLY A 345 5.11 15.65 6.69
C GLY A 345 5.01 15.83 8.21
N ASP A 346 3.88 16.39 8.67
CA ASP A 346 3.42 16.24 10.06
C ASP A 346 3.16 14.75 10.25
N PRO A 347 3.89 14.08 11.18
CA PRO A 347 3.77 12.62 11.33
C PRO A 347 2.38 12.08 11.73
N ILE A 348 1.66 12.89 12.47
CA ILE A 348 0.34 12.52 12.97
C ILE A 348 -0.76 12.63 11.92
N ILE A 349 -0.61 13.60 11.01
CA ILE A 349 -1.48 13.74 9.85
C ILE A 349 -1.24 12.53 8.93
N THR A 350 0.04 12.18 8.68
CA THR A 350 0.39 11.01 7.89
C THR A 350 -0.19 9.76 8.52
N ARG A 351 -0.03 9.58 9.83
CA ARG A 351 -0.56 8.40 10.52
C ARG A 351 -2.04 8.30 10.23
N GLY A 352 -2.67 9.45 10.04
CA GLY A 352 -4.07 9.53 9.73
C GLY A 352 -4.35 9.03 8.33
N PHE A 353 -3.53 9.38 7.35
CA PHE A 353 -3.67 8.79 5.98
C PHE A 353 -3.54 7.25 6.01
N TYR A 354 -2.61 6.70 6.80
CA TYR A 354 -2.38 5.24 6.89
C TYR A 354 -3.56 4.47 7.43
N LYS A 355 -4.11 5.01 8.53
CA LYS A 355 -5.32 4.50 9.15
C LYS A 355 -6.46 4.48 8.16
N THR A 356 -6.70 5.58 7.45
CA THR A 356 -7.74 5.61 6.41
C THR A 356 -7.65 4.42 5.43
N LEU A 357 -6.41 4.06 5.09
CA LEU A 357 -6.09 3.04 4.07
C LEU A 357 -6.20 1.60 4.61
N LEU A 358 -5.81 1.43 5.86
CA LEU A 358 -5.62 0.16 6.46
C LEU A 358 -6.64 -0.29 7.48
N LEU A 359 -7.33 0.61 8.16
CA LEU A 359 -8.13 0.12 9.33
C LEU A 359 -9.53 -0.29 8.90
N PRO A 360 -10.14 -1.25 9.66
CA PRO A 360 -11.54 -1.58 9.34
C PRO A 360 -12.56 -0.53 9.90
N LYS A 361 -12.11 0.40 10.74
CA LYS A 361 -12.98 1.38 11.42
C LYS A 361 -12.05 2.53 11.74
N LEU A 362 -12.50 3.76 11.52
CA LEU A 362 -11.73 4.97 11.81
C LEU A 362 -12.43 5.66 12.95
N GLU A 363 -11.66 6.19 13.90
CA GLU A 363 -12.21 6.82 15.09
C GLU A 363 -11.80 8.26 14.95
N ARG A 364 -12.74 9.19 15.17
CA ARG A 364 -12.44 10.62 15.16
C ARG A 364 -11.19 10.93 16.04
N ASN A 365 -10.33 11.80 15.55
CA ASN A 365 -9.10 12.16 16.21
C ASN A 365 -8.59 13.39 15.56
N LEU A 366 -8.85 14.53 16.18
CA LEU A 366 -8.66 15.84 15.51
C LEU A 366 -7.19 16.12 15.13
N GLN A 367 -6.25 15.63 15.94
CA GLN A 367 -4.80 15.76 15.70
C GLN A 367 -4.29 15.03 14.46
N GLU A 368 -4.92 13.89 14.16
CA GLU A 368 -4.69 13.18 12.88
C GLU A 368 -5.50 13.74 11.73
N GLY A 369 -6.35 14.73 11.99
CA GLY A 369 -7.21 15.31 10.99
C GLY A 369 -8.36 14.39 10.55
N LEU A 370 -8.70 13.41 11.39
CA LEU A 370 -9.92 12.64 11.18
C LEU A 370 -11.12 13.23 11.99
N PHE A 371 -12.09 13.82 11.27
CA PHE A 371 -13.21 14.56 11.91
C PHE A 371 -14.43 13.72 12.23
N PHE A 372 -14.51 12.55 11.60
CA PHE A 372 -15.64 11.59 11.71
C PHE A 372 -15.13 10.19 12.09
N ASP A 373 -15.90 9.49 12.90
CA ASP A 373 -15.90 8.07 12.98
C ASP A 373 -16.44 7.52 11.64
N MET A 374 -15.97 6.34 11.27
CA MET A 374 -16.29 5.75 10.00
C MET A 374 -16.03 4.25 10.02
N ASP A 375 -17.06 3.49 9.70
CA ASP A 375 -16.95 2.09 9.55
C ASP A 375 -16.70 1.79 8.07
N TRP A 376 -15.66 0.97 7.81
CA TRP A 376 -15.23 0.66 6.44
C TRP A 376 -16.01 -0.46 5.76
N ALA A 377 -16.99 -1.03 6.44
CA ALA A 377 -17.94 -1.99 5.83
C ALA A 377 -17.29 -3.22 5.19
N SER A 378 -16.20 -3.66 5.81
CA SER A 378 -15.35 -4.83 5.42
C SER A 378 -14.72 -4.76 4.05
N LEU A 379 -14.60 -3.54 3.50
CA LEU A 379 -13.77 -3.28 2.32
C LEU A 379 -12.32 -3.63 2.67
N ARG A 380 -11.68 -4.28 1.73
CA ARG A 380 -10.27 -4.57 1.79
C ARG A 380 -9.33 -3.38 2.02
N LYS A 381 -8.12 -3.69 2.48
CA LYS A 381 -7.09 -2.71 2.82
C LYS A 381 -6.26 -2.34 1.62
N VAL A 382 -5.96 -1.05 1.50
CA VAL A 382 -5.00 -0.56 0.57
C VAL A 382 -3.64 -0.46 1.24
N MET A 383 -2.59 -0.89 0.53
CA MET A 383 -1.21 -0.72 0.95
C MET A 383 -0.58 0.70 0.76
N PRO A 384 -0.23 1.44 1.86
CA PRO A 384 0.46 2.73 1.68
C PRO A 384 1.80 2.50 1.04
N VAL A 385 2.27 3.46 0.26
CA VAL A 385 3.61 3.44 -0.34
C VAL A 385 4.30 4.68 0.23
N ALA A 386 5.53 4.51 0.76
CA ALA A 386 6.46 5.57 1.22
C ALA A 386 7.60 5.70 0.22
N SER A 387 7.67 6.86 -0.41
CA SER A 387 8.55 7.10 -1.51
C SER A 387 9.05 8.49 -1.28
N GLY A 388 10.35 8.72 -1.39
CA GLY A 388 10.84 10.10 -1.46
C GLY A 388 11.99 10.52 -0.57
N GLY A 389 13.22 10.29 -1.09
CA GLY A 389 14.42 10.74 -0.40
C GLY A 389 14.68 9.92 0.84
N ILE A 390 14.13 8.70 0.87
CA ILE A 390 14.42 7.78 1.97
C ILE A 390 15.69 6.93 1.71
N HIS A 391 16.42 6.63 2.79
CA HIS A 391 17.55 5.72 2.71
C HIS A 391 17.63 4.72 3.88
N ALA A 392 18.50 3.72 3.76
CA ALA A 392 18.64 2.62 4.74
C ALA A 392 18.99 3.06 6.17
N GLY A 393 19.70 4.17 6.32
CA GLY A 393 19.99 4.73 7.65
C GLY A 393 18.78 5.30 8.42
N GLN A 394 17.61 5.51 7.78
CA GLN A 394 16.41 5.97 8.50
C GLN A 394 15.41 4.86 8.87
N MET A 395 15.80 3.61 8.69
CA MET A 395 14.86 2.46 8.75
C MET A 395 14.10 2.35 10.06
N HIS A 396 14.78 2.64 11.18
CA HIS A 396 14.12 2.69 12.49
C HIS A 396 13.00 3.71 12.56
N GLN A 397 13.21 4.90 11.98
CA GLN A 397 12.17 5.91 11.93
C GLN A 397 11.04 5.46 11.00
N LEU A 398 11.39 4.84 9.86
CA LEU A 398 10.44 4.31 8.88
C LEU A 398 9.56 3.20 9.48
N ILE A 399 10.15 2.17 10.07
CA ILE A 399 9.38 1.15 10.79
C ILE A 399 8.52 1.79 11.88
N HIS A 400 9.10 2.66 12.73
CA HIS A 400 8.35 3.31 13.79
C HIS A 400 7.18 4.20 13.29
N TYR A 401 7.37 5.01 12.27
CA TYR A 401 6.27 5.85 11.81
C TYR A 401 5.22 5.19 10.93
N LEU A 402 5.65 4.23 10.10
CA LEU A 402 4.85 3.74 9.00
C LEU A 402 4.34 2.34 9.21
N GLY A 403 4.87 1.58 10.18
CA GLY A 403 4.41 0.20 10.44
C GLY A 403 4.91 -0.82 9.44
N GLU A 404 4.35 -2.04 9.47
CA GLU A 404 4.86 -3.15 8.62
C GLU A 404 4.06 -3.35 7.31
N ASP A 405 2.84 -2.83 7.26
CA ASP A 405 2.08 -2.82 6.00
C ASP A 405 2.35 -1.53 5.26
N VAL A 406 3.39 -1.55 4.44
CA VAL A 406 3.79 -0.41 3.68
C VAL A 406 4.74 -0.92 2.54
N VAL A 407 4.74 -0.28 1.37
CA VAL A 407 5.82 -0.50 0.40
C VAL A 407 6.78 0.70 0.56
N LEU A 408 8.03 0.43 0.94
CA LEU A 408 9.12 1.42 1.02
C LEU A 408 9.85 1.47 -0.33
N GLN A 409 9.86 2.62 -0.98
CA GLN A 409 10.52 2.81 -2.25
C GLN A 409 11.70 3.73 -2.15
N PHE A 410 12.86 3.17 -2.48
CA PHE A 410 14.16 3.81 -2.40
C PHE A 410 14.62 4.17 -3.80
N GLY A 411 15.05 5.43 -4.01
CA GLY A 411 15.46 5.91 -5.36
C GLY A 411 16.85 5.44 -5.82
N GLY A 412 17.76 6.41 -6.01
CA GLY A 412 19.20 6.12 -6.17
C GLY A 412 19.80 5.61 -4.86
N GLY A 413 18.94 5.36 -3.87
CA GLY A 413 19.26 4.63 -2.63
C GLY A 413 19.65 3.18 -2.91
N THR A 414 19.40 2.74 -4.13
CA THR A 414 19.66 1.37 -4.60
C THR A 414 20.58 1.43 -5.85
N ILE A 415 20.08 2.07 -6.92
CA ILE A 415 20.75 2.08 -8.24
C ILE A 415 22.18 2.69 -8.17
N GLY A 416 22.31 3.71 -7.32
CA GLY A 416 23.58 4.42 -7.14
C GLY A 416 24.34 3.99 -5.90
N HIS A 417 24.41 2.69 -5.68
CA HIS A 417 25.31 2.14 -4.71
C HIS A 417 26.64 1.98 -5.47
N PRO A 418 27.79 2.33 -4.83
CA PRO A 418 29.02 2.25 -5.61
C PRO A 418 29.34 0.82 -6.03
N ASP A 419 28.80 -0.16 -5.31
CA ASP A 419 29.04 -1.57 -5.62
C ASP A 419 28.06 -2.22 -6.61
N GLY A 420 27.11 -1.48 -7.15
CA GLY A 420 26.17 -2.11 -8.06
C GLY A 420 24.74 -2.02 -7.57
N ILE A 421 23.80 -2.29 -8.47
CA ILE A 421 22.37 -2.24 -8.16
C ILE A 421 22.01 -3.41 -7.22
N GLN A 422 22.50 -4.62 -7.54
CA GLN A 422 22.27 -5.75 -6.65
C GLN A 422 22.62 -5.44 -5.22
N SER A 423 23.84 -4.94 -5.01
CA SER A 423 24.34 -4.50 -3.70
C SER A 423 23.51 -3.45 -3.01
N GLY A 424 23.08 -2.45 -3.77
CA GLY A 424 22.20 -1.43 -3.19
C GLY A 424 20.92 -2.04 -2.67
N ALA A 425 20.36 -2.96 -3.44
CA ALA A 425 19.14 -3.68 -3.05
C ALA A 425 19.36 -4.51 -1.77
N THR A 426 20.52 -5.13 -1.64
CA THR A 426 20.82 -6.05 -0.54
C THR A 426 20.89 -5.29 0.83
N ALA A 427 21.59 -4.14 0.84
CA ALA A 427 21.69 -3.25 1.97
C ALA A 427 20.36 -2.80 2.51
N ASN A 428 19.44 -2.41 1.61
CA ASN A 428 18.08 -1.99 1.98
C ASN A 428 17.28 -3.13 2.60
N ARG A 429 17.47 -4.31 2.02
CA ARG A 429 16.72 -5.51 2.40
C ARG A 429 17.24 -6.00 3.75
N VAL A 430 18.55 -6.15 3.88
CA VAL A 430 19.12 -6.46 5.22
C VAL A 430 18.74 -5.47 6.38
N ALA A 431 18.86 -4.17 6.14
CA ALA A 431 18.48 -3.13 7.08
C ALA A 431 17.04 -3.30 7.54
N LEU A 432 16.16 -3.59 6.58
CA LEU A 432 14.75 -3.80 6.84
C LEU A 432 14.57 -5.03 7.70
N GLU A 433 15.16 -6.15 7.33
CA GLU A 433 14.91 -7.38 8.09
C GLU A 433 15.45 -7.26 9.51
N ALA A 434 16.56 -6.54 9.64
CA ALA A 434 17.25 -6.37 10.90
C ALA A 434 16.43 -5.52 11.88
N MET A 435 15.75 -4.51 11.35
CA MET A 435 14.91 -3.64 12.12
C MET A 435 13.63 -4.29 12.56
N ILE A 436 12.98 -5.01 11.65
CA ILE A 436 11.84 -5.84 11.99
C ILE A 436 12.22 -6.93 13.02
N LEU A 437 13.39 -7.54 12.90
CA LEU A 437 13.79 -8.54 13.90
C LEU A 437 13.93 -7.88 15.31
N ALA A 438 14.51 -6.70 15.36
CA ALA A 438 14.66 -5.97 16.60
C ALA A 438 13.33 -5.48 17.10
N ARG A 439 12.43 -5.11 16.20
CA ARG A 439 11.09 -4.75 16.68
C ARG A 439 10.42 -5.94 17.33
N ASN A 440 10.48 -7.09 16.69
CA ASN A 440 9.84 -8.24 17.26
C ASN A 440 10.46 -8.70 18.59
N GLU A 441 11.76 -8.44 18.81
CA GLU A 441 12.47 -8.82 20.04
C GLU A 441 12.14 -7.83 21.17
N ASN A 442 11.42 -6.77 20.81
CA ASN A 442 11.10 -5.71 21.73
C ASN A 442 12.28 -4.83 22.11
N ARG A 443 13.29 -4.73 21.24
CA ARG A 443 14.31 -3.73 21.46
C ARG A 443 13.62 -2.38 21.24
N ASP A 444 14.10 -1.36 21.92
CA ASP A 444 13.65 0.02 21.76
C ASP A 444 14.35 0.45 20.51
N PHE A 445 13.82 0.00 19.38
CA PHE A 445 14.53 0.16 18.10
C PHE A 445 14.53 1.62 17.64
N LEU A 446 13.68 2.47 18.21
CA LEU A 446 13.71 3.86 17.78
C LEU A 446 14.91 4.58 18.40
N THR A 447 15.10 4.40 19.69
CA THR A 447 16.33 4.83 20.39
C THR A 447 17.61 4.12 19.97
N GLU A 448 17.58 2.79 19.82
CA GLU A 448 18.80 2.02 19.50
C GLU A 448 18.96 1.62 18.02
N GLY A 449 18.13 2.18 17.17
CA GLY A 449 18.17 2.00 15.70
C GLY A 449 19.52 2.09 14.99
N PRO A 450 20.34 3.16 15.27
CA PRO A 450 21.69 3.19 14.69
C PRO A 450 22.61 2.01 15.09
N GLU A 451 22.58 1.61 16.36
CA GLU A 451 23.38 0.45 16.77
C GLU A 451 22.86 -0.90 16.15
N ILE A 452 21.55 -1.04 16.07
CA ILE A 452 20.93 -2.14 15.35
C ILE A 452 21.47 -2.24 13.88
N LEU A 453 21.55 -1.10 13.17
CA LEU A 453 21.96 -1.07 11.75
C LEU A 453 23.44 -1.40 11.62
N ARG A 454 24.20 -0.84 12.55
CA ARG A 454 25.61 -1.12 12.70
C ARG A 454 25.88 -2.58 13.09
N GLU A 455 25.05 -3.23 13.91
CA GLU A 455 25.28 -4.69 14.16
C GLU A 455 24.99 -5.52 12.89
N ALA A 456 23.93 -5.17 12.17
CA ALA A 456 23.63 -5.76 10.86
C ALA A 456 24.71 -5.56 9.79
N ALA A 457 25.27 -4.34 9.68
CA ALA A 457 26.31 -4.00 8.70
C ALA A 457 27.58 -4.80 8.92
N LYS A 458 27.72 -5.36 10.13
CA LYS A 458 28.91 -6.11 10.55
C LYS A 458 29.03 -7.41 9.74
N ASN A 459 27.88 -8.00 9.41
CA ASN A 459 27.80 -9.22 8.59
C ASN A 459 27.44 -8.89 7.14
N SNC A 460 27.44 -7.61 6.78
CA SNC A 460 26.93 -7.15 5.47
CB SNC A 460 25.44 -6.88 5.60
SG SNC A 460 24.73 -6.81 3.99
ND SNC A 460 25.20 -8.21 3.23
OE SNC A 460 24.74 -9.37 3.41
C SNC A 460 27.65 -5.95 4.91
O SNC A 460 27.37 -4.80 5.30
N GLY A 461 28.56 -6.21 3.98
CA GLY A 461 29.43 -5.17 3.45
C GLY A 461 28.70 -4.10 2.66
N ALA A 462 27.68 -4.55 1.92
CA ALA A 462 26.87 -3.65 1.09
C ALA A 462 26.17 -2.65 1.99
N LEU A 463 25.66 -3.13 3.13
CA LEU A 463 25.05 -2.24 4.15
C LEU A 463 26.08 -1.34 4.83
N ARG A 464 27.21 -1.92 5.24
CA ARG A 464 28.36 -1.10 5.75
C ARG A 464 28.70 0.08 4.83
N THR A 465 28.83 -0.24 3.52
CA THR A 465 29.06 0.72 2.46
C THR A 465 27.92 1.74 2.31
N ALA A 466 26.67 1.25 2.35
CA ALA A 466 25.50 2.14 2.37
C ALA A 466 25.49 3.11 3.55
N LEU A 467 25.79 2.61 4.76
CA LEU A 467 25.70 3.41 5.99
C LEU A 467 26.78 4.52 6.02
N ASP A 468 28.00 4.17 5.60
CA ASP A 468 29.14 5.12 5.50
C ASP A 468 28.83 6.29 4.55
N LEU A 469 28.22 5.97 3.43
CA LEU A 469 27.85 6.94 2.42
C LEU A 469 26.84 7.99 2.88
N TRP A 470 25.80 7.58 3.61
CA TRP A 470 24.76 8.53 4.01
C TRP A 470 24.94 9.11 5.43
N LYS A 471 26.18 9.01 5.95
CA LYS A 471 26.54 9.53 7.28
C LYS A 471 27.74 10.50 7.20
N ASP A 472 28.61 10.32 6.19
CA ASP A 472 29.80 11.15 5.92
C ASP A 472 29.46 12.64 5.60
N ILE A 473 28.41 12.84 4.79
CA ILE A 473 27.80 14.15 4.58
C ILE A 473 26.27 13.97 4.58
N THR A 474 25.77 13.22 3.59
CA THR A 474 24.37 13.30 3.10
C THR A 474 23.23 12.64 3.94
N MET B 1 22.58 -21.33 -4.13
CA MET B 1 22.19 -19.96 -3.75
C MET B 1 21.32 -20.02 -2.48
N ARG B 2 21.13 -18.91 -1.79
CA ARG B 2 20.26 -18.87 -0.64
C ARG B 2 18.84 -18.53 -1.07
N ILE B 3 17.87 -19.36 -0.69
CA ILE B 3 16.47 -19.08 -0.93
C ILE B 3 15.95 -18.00 0.04
N THR B 4 15.33 -16.94 -0.48
CA THR B 4 15.01 -15.81 0.37
C THR B 4 13.51 -15.59 0.63
N GLN B 5 12.70 -16.65 0.45
CA GLN B 5 11.41 -16.82 1.11
C GLN B 5 11.64 -16.71 2.61
N GLY B 6 10.67 -16.22 3.38
CA GLY B 6 10.86 -15.97 4.81
C GLY B 6 11.06 -14.51 5.21
N THR B 7 10.58 -14.14 6.39
CA THR B 7 10.72 -12.77 6.89
C THR B 7 12.21 -12.38 7.13
N PHE B 8 13.07 -13.31 7.48
CA PHE B 8 14.41 -12.92 7.96
C PHE B 8 15.52 -13.60 7.17
N SER B 9 15.23 -13.99 5.94
CA SER B 9 16.18 -14.79 5.14
C SER B 9 17.39 -14.01 4.62
N PHE B 10 17.36 -12.67 4.70
CA PHE B 10 18.53 -11.82 4.38
C PHE B 10 19.44 -11.63 5.61
N LEU B 11 18.98 -12.08 6.78
CA LEU B 11 19.82 -12.20 7.98
C LEU B 11 20.51 -13.59 8.02
N PRO B 12 21.59 -13.74 8.81
CA PRO B 12 22.12 -15.08 9.04
C PRO B 12 21.09 -16.05 9.66
N ASP B 13 21.29 -17.37 9.50
CA ASP B 13 20.38 -18.30 10.15
C ASP B 13 20.24 -17.94 11.67
N LEU B 14 18.99 -17.85 12.14
CA LEU B 14 18.61 -17.56 13.53
C LEU B 14 19.12 -18.58 14.55
N THR B 15 19.66 -18.09 15.67
CA THR B 15 20.09 -18.95 16.77
C THR B 15 18.84 -19.36 17.55
N ASP B 16 19.00 -20.31 18.45
CA ASP B 16 17.84 -20.73 19.28
C ASP B 16 17.25 -19.63 20.18
N GLU B 17 18.09 -18.73 20.67
CA GLU B 17 17.66 -17.57 21.45
C GLU B 17 16.90 -16.51 20.63
N GLN B 18 17.41 -16.17 19.46
CA GLN B 18 16.60 -15.42 18.47
C GLN B 18 15.29 -16.10 18.12
N ILE B 19 15.31 -17.41 17.91
CA ILE B 19 14.08 -18.09 17.63
C ILE B 19 13.07 -17.96 18.78
N LYS B 20 13.54 -18.18 20.01
CA LYS B 20 12.79 -17.94 21.23
C LYS B 20 12.12 -16.54 21.32
N LYS B 21 12.86 -15.48 21.03
CA LYS B 21 12.31 -14.13 21.02
C LYS B 21 11.21 -13.89 19.97
N GLN B 22 11.30 -14.55 18.80
CA GLN B 22 10.24 -14.51 17.78
C GLN B 22 8.98 -15.25 18.21
N ILE B 23 9.14 -16.40 18.90
CA ILE B 23 7.98 -17.11 19.49
C ILE B 23 7.28 -16.22 20.52
N ASP B 24 8.08 -15.50 21.32
CA ASP B 24 7.53 -14.58 22.32
C ASP B 24 6.69 -13.50 21.64
N TYR B 25 7.17 -12.97 20.52
CA TYR B 25 6.44 -11.98 19.73
C TYR B 25 5.07 -12.53 19.34
N MET B 26 5.07 -13.73 18.78
CA MET B 26 3.85 -14.36 18.30
C MET B 26 2.85 -14.64 19.40
N ILE B 27 3.39 -15.07 20.54
CA ILE B 27 2.60 -15.26 21.76
C ILE B 27 1.92 -13.97 22.19
N SER B 28 2.61 -12.84 22.16
CA SER B 28 2.04 -11.57 22.58
C SER B 28 1.09 -10.98 21.52
N LYS B 29 1.22 -11.47 20.28
CA LYS B 29 0.28 -11.16 19.19
C LYS B 29 -0.89 -12.13 19.16
N LYS B 30 -0.82 -13.12 20.05
CA LYS B 30 -1.83 -14.13 20.22
C LYS B 30 -2.03 -14.95 18.93
N LEU B 31 -0.94 -15.38 18.30
CA LEU B 31 -1.02 -16.16 17.06
C LEU B 31 -1.11 -17.63 17.33
N ALA B 32 -1.79 -18.39 16.47
CA ALA B 32 -1.52 -19.81 16.33
C ALA B 32 -0.10 -19.98 15.72
N ILE B 33 0.64 -21.01 16.15
CA ILE B 33 2.00 -21.22 15.73
C ILE B 33 2.13 -22.56 15.05
N GLY B 34 2.47 -22.55 13.75
CA GLY B 34 2.73 -23.79 13.02
C GLY B 34 4.16 -24.03 12.58
N ILE B 35 4.53 -25.31 12.42
CA ILE B 35 5.81 -25.71 11.92
C ILE B 35 5.55 -26.48 10.65
N GLU B 36 6.13 -26.05 9.54
CA GLU B 36 5.91 -26.67 8.22
C GLU B 36 7.29 -26.93 7.58
N TYR B 37 7.39 -27.91 6.71
CA TYR B 37 8.66 -28.35 6.15
C TYR B 37 8.42 -28.80 4.70
N THR B 38 9.45 -28.72 3.88
CA THR B 38 9.34 -29.10 2.49
C THR B 38 10.72 -29.28 1.94
N ASN B 39 10.84 -30.15 0.95
CA ASN B 39 12.00 -30.13 0.09
C ASN B 39 11.59 -29.93 -1.40
N ASP B 40 10.41 -29.34 -1.67
CA ASP B 40 10.11 -28.70 -3.00
C ASP B 40 10.02 -27.20 -2.76
N ILE B 41 11.11 -26.50 -2.95
CA ILE B 41 11.17 -25.11 -2.50
C ILE B 41 10.62 -24.06 -3.51
N HIS B 42 9.87 -24.48 -4.52
CA HIS B 42 9.20 -23.57 -5.47
C HIS B 42 8.45 -22.46 -4.73
N PRO B 43 8.56 -21.20 -5.18
CA PRO B 43 7.86 -20.09 -4.52
C PRO B 43 6.31 -20.20 -4.57
N ARG B 44 5.78 -21.00 -5.47
CA ARG B 44 4.32 -21.15 -5.57
C ARG B 44 3.86 -22.46 -4.88
N ASN B 45 4.79 -23.22 -4.26
CA ASN B 45 4.41 -24.32 -3.36
C ASN B 45 3.85 -23.71 -2.09
N SER B 46 2.55 -23.41 -2.10
CA SER B 46 1.86 -22.81 -0.96
C SER B 46 1.72 -23.74 0.23
N PHE B 47 1.72 -25.05 -0.01
CA PHE B 47 1.40 -26.03 1.02
C PHE B 47 2.58 -26.89 1.40
N TRP B 48 3.36 -26.44 2.37
CA TRP B 48 4.41 -27.30 2.90
C TRP B 48 3.77 -28.35 3.77
N GLU B 49 4.51 -29.39 4.14
CA GLU B 49 3.98 -30.36 5.09
C GLU B 49 3.92 -29.75 6.50
N MET B 50 2.88 -30.08 7.24
CA MET B 50 2.71 -29.63 8.61
C MET B 50 3.46 -30.64 9.49
N TRP B 51 4.26 -30.13 10.44
CA TRP B 51 4.83 -30.95 11.51
C TRP B 51 3.86 -30.81 12.67
N GLY B 52 2.98 -31.79 12.86
CA GLY B 52 1.90 -31.63 13.88
C GLY B 52 0.89 -30.53 13.53
N LEU B 53 0.00 -30.19 14.45
CA LEU B 53 -1.04 -29.20 14.18
C LEU B 53 -0.48 -27.87 14.61
N PRO B 54 -1.15 -26.76 14.26
CA PRO B 54 -0.63 -25.54 14.92
C PRO B 54 -0.92 -25.54 16.42
N LEU B 55 -0.10 -24.85 17.17
CA LEU B 55 -0.24 -24.78 18.59
C LEU B 55 -1.05 -23.53 18.93
N PHE B 56 -2.14 -23.74 19.67
CA PHE B 56 -3.05 -22.63 19.98
C PHE B 56 -2.89 -22.25 21.42
N GLU B 57 -3.22 -21.00 21.74
CA GLU B 57 -3.31 -20.59 23.14
C GLU B 57 -1.99 -20.83 23.90
N VAL B 58 -0.87 -20.69 23.19
CA VAL B 58 0.47 -21.00 23.73
C VAL B 58 0.90 -19.88 24.69
N THR B 59 1.61 -20.25 25.77
CA THR B 59 2.04 -19.27 26.78
C THR B 59 3.56 -19.34 27.10
N ASP B 60 4.17 -20.48 26.78
CA ASP B 60 5.58 -20.73 27.06
C ASP B 60 6.23 -21.12 25.71
N PRO B 61 7.30 -20.41 25.29
CA PRO B 61 7.98 -20.83 24.05
C PRO B 61 8.64 -22.22 24.04
N ALA B 62 8.93 -22.80 25.21
CA ALA B 62 9.69 -24.09 25.27
C ALA B 62 9.13 -25.29 24.46
N PRO B 63 7.82 -25.63 24.63
CA PRO B 63 7.15 -26.64 23.76
C PRO B 63 7.16 -26.39 22.24
N VAL B 64 7.14 -25.11 21.83
CA VAL B 64 7.34 -24.69 20.44
C VAL B 64 8.78 -24.99 20.00
N LEU B 65 9.75 -24.57 20.81
CA LEU B 65 11.14 -24.83 20.57
C LEU B 65 11.48 -26.32 20.56
N PHE B 66 10.84 -27.10 21.44
CA PHE B 66 11.04 -28.54 21.43
C PHE B 66 10.63 -29.22 20.12
N GLU B 67 9.47 -28.84 19.61
CA GLU B 67 8.97 -29.31 18.30
C GLU B 67 9.77 -28.81 17.08
N ILE B 68 10.28 -27.61 17.14
CA ILE B 68 11.19 -27.15 16.11
C ILE B 68 12.42 -28.05 16.05
N ASN B 69 13.04 -28.31 17.19
CA ASN B 69 14.20 -29.21 17.24
C ASN B 69 13.88 -30.69 16.90
N ALA B 70 12.71 -31.18 17.30
CA ALA B 70 12.30 -32.51 16.86
C ALA B 70 12.15 -32.61 15.32
N CYS B 71 11.58 -31.56 14.70
CA CYS B 71 11.44 -31.50 13.25
C CYS B 71 12.82 -31.40 12.61
N ARG B 72 13.70 -30.60 13.20
CA ARG B 72 15.09 -30.48 12.71
C ARG B 72 15.79 -31.83 12.71
N LYS B 73 15.52 -32.64 13.72
CA LYS B 73 16.13 -33.98 13.79
C LYS B 73 15.51 -34.96 12.76
N ALA B 74 14.19 -34.92 12.63
CA ALA B 74 13.52 -35.83 11.72
C ALA B 74 13.73 -35.43 10.27
N LYS B 75 13.97 -34.16 10.01
CA LYS B 75 13.91 -33.62 8.64
C LYS B 75 15.06 -32.65 8.40
N SER B 76 16.30 -33.08 8.62
CA SER B 76 17.38 -32.08 8.64
C SER B 76 17.75 -31.54 7.27
N ASN B 77 17.47 -32.33 6.24
CA ASN B 77 17.75 -31.97 4.86
C ASN B 77 16.49 -31.45 4.16
N PHE B 78 15.64 -30.74 4.94
CA PHE B 78 14.47 -30.06 4.47
C PHE B 78 14.51 -28.54 4.86
N TYR B 79 13.76 -27.74 4.12
CA TYR B 79 13.40 -26.43 4.62
C TYR B 79 12.36 -26.56 5.70
N ILE B 80 12.57 -25.81 6.76
CA ILE B 80 11.63 -25.82 7.89
C ILE B 80 11.37 -24.39 8.23
N LYS B 81 10.09 -24.08 8.36
CA LYS B 81 9.68 -22.72 8.68
C LYS B 81 8.67 -22.71 9.82
N VAL B 82 8.60 -21.56 10.49
CA VAL B 82 7.64 -21.32 11.55
C VAL B 82 6.65 -20.24 11.06
N VAL B 83 5.37 -20.54 11.18
CA VAL B 83 4.37 -19.64 10.72
C VAL B 83 3.46 -19.12 11.85
N GLY B 84 3.16 -17.84 11.85
CA GLY B 84 2.22 -17.29 12.83
C GLY B 84 0.92 -16.86 12.16
N PHE B 85 -0.19 -17.52 12.54
CA PHE B 85 -1.54 -17.23 11.98
C PHE B 85 -2.34 -16.31 12.91
N SER B 86 -2.93 -15.26 12.34
CA SER B 86 -3.80 -14.37 13.12
C SER B 86 -5.26 -14.67 12.86
N SER B 87 -6.10 -14.62 13.88
CA SER B 87 -7.52 -14.90 13.70
C SER B 87 -8.29 -13.61 13.82
N GLU B 88 -7.55 -12.49 13.81
CA GLU B 88 -8.14 -11.18 13.92
C GLU B 88 -9.01 -10.86 12.70
N ARG B 89 -10.20 -10.34 12.94
CA ARG B 89 -11.17 -10.09 11.89
C ARG B 89 -10.55 -9.17 10.84
N GLY B 90 -10.66 -9.53 9.55
CA GLY B 90 -10.12 -8.70 8.45
C GLY B 90 -8.64 -8.92 8.19
N ILE B 91 -8.04 -9.82 8.97
CA ILE B 91 -6.73 -10.44 8.70
C ILE B 91 -6.86 -11.93 8.46
N GLU B 92 -7.17 -12.69 9.50
CA GLU B 92 -7.45 -14.15 9.30
C GLU B 92 -6.45 -14.83 8.31
N SER B 93 -5.18 -14.84 8.69
CA SER B 93 -4.12 -15.18 7.76
C SER B 93 -2.78 -15.16 8.50
N THR B 94 -1.77 -15.79 7.90
CA THR B 94 -0.34 -15.67 8.32
C THR B 94 0.04 -14.19 8.39
N ILE B 95 0.70 -13.80 9.47
CA ILE B 95 1.32 -12.49 9.57
C ILE B 95 2.86 -12.54 9.82
N ILE B 96 3.43 -13.72 9.94
CA ILE B 96 4.87 -13.88 10.03
C ILE B 96 5.18 -15.32 9.58
N SER B 97 6.33 -15.52 8.94
CA SER B 97 6.70 -16.78 8.37
C SER B 97 8.21 -16.79 8.19
N PHE B 98 8.97 -17.56 8.96
CA PHE B 98 10.45 -17.51 8.79
C PHE B 98 11.13 -18.86 8.82
N ILE B 99 12.24 -18.97 8.11
CA ILE B 99 13.02 -20.20 8.01
C ILE B 99 13.72 -20.51 9.33
N VAL B 100 13.57 -21.77 9.79
CA VAL B 100 14.38 -22.23 10.89
C VAL B 100 15.31 -23.40 10.52
N ASN B 101 15.28 -23.89 9.28
CA ASN B 101 16.28 -24.90 8.83
C ASN B 101 16.35 -24.86 7.31
N ARG B 102 17.57 -24.94 6.78
CA ARG B 102 17.81 -25.01 5.35
C ARG B 102 18.68 -26.23 5.13
N PRO B 103 18.56 -26.89 3.99
CA PRO B 103 19.55 -27.89 3.62
C PRO B 103 20.96 -27.32 3.54
N LYS B 104 21.97 -28.18 3.69
CA LYS B 104 23.37 -27.74 3.72
C LYS B 104 23.78 -27.05 2.40
N HIS B 105 23.19 -27.51 1.29
CA HIS B 105 23.46 -26.92 -0.03
C HIS B 105 22.18 -26.73 -0.85
N GLU B 106 22.00 -25.53 -1.42
CA GLU B 106 20.92 -25.21 -2.39
C GLU B 106 21.38 -24.99 -3.87
N PRO B 107 21.08 -25.95 -4.75
CA PRO B 107 21.39 -25.92 -6.20
C PRO B 107 20.54 -24.92 -6.99
N GLY B 108 19.32 -24.62 -6.52
CA GLY B 108 18.50 -23.58 -7.10
C GLY B 108 17.49 -24.17 -8.07
N PHE B 109 17.18 -23.37 -9.09
CA PHE B 109 16.13 -23.57 -10.07
C PHE B 109 16.56 -23.60 -11.53
N ASN B 110 15.86 -24.43 -12.29
CA ASN B 110 15.94 -24.38 -13.75
C ASN B 110 14.89 -23.44 -14.30
N LEU B 111 15.26 -22.63 -15.29
CA LEU B 111 14.31 -21.77 -16.01
C LEU B 111 13.94 -22.38 -17.37
N ILE B 112 12.64 -22.64 -17.59
CA ILE B 112 12.21 -23.22 -18.84
C ILE B 112 11.53 -22.13 -19.64
N ARG B 113 11.87 -22.03 -20.93
CA ARG B 113 11.25 -21.06 -21.85
C ARG B 113 10.50 -21.79 -22.98
N GLN B 114 9.18 -21.82 -22.91
CA GLN B 114 8.45 -22.40 -23.98
C GLN B 114 8.04 -21.22 -24.85
N GLU B 115 8.40 -21.29 -26.11
CA GLU B 115 8.19 -20.17 -27.01
C GLU B 115 6.79 -20.22 -27.47
N ASP B 116 6.14 -19.05 -27.42
CA ASP B 116 4.74 -18.98 -27.77
C ASP B 116 4.48 -18.03 -28.95
N LYS B 117 3.35 -17.35 -28.93
CA LYS B 117 2.95 -16.50 -30.03
C LYS B 117 3.84 -15.27 -30.13
N SER B 118 4.21 -14.88 -31.36
CA SER B 118 5.22 -13.84 -31.63
C SER B 118 6.50 -14.01 -30.85
N ARG B 119 6.76 -13.06 -29.95
CA ARG B 119 7.96 -13.04 -29.08
C ARG B 119 7.70 -13.48 -27.66
N SER B 120 6.46 -13.80 -27.33
CA SER B 120 6.13 -14.14 -25.96
C SER B 120 6.63 -15.52 -25.63
N ILE B 121 6.89 -15.71 -24.34
CA ILE B 121 7.45 -16.94 -23.82
C ILE B 121 6.59 -17.31 -22.63
N LYS B 122 6.32 -18.61 -22.49
CA LYS B 122 5.71 -19.10 -21.28
C LYS B 122 6.82 -19.68 -20.38
N TYR B 123 6.95 -19.20 -19.15
CA TYR B 123 8.01 -19.56 -18.21
C TYR B 123 7.58 -20.61 -17.13
N SER B 124 8.49 -21.54 -16.82
CA SER B 124 8.39 -22.38 -15.63
C SER B 124 9.70 -22.34 -14.89
N ILE B 125 9.65 -22.37 -13.55
CA ILE B 125 10.88 -22.67 -12.82
C ILE B 125 10.71 -24.04 -12.17
N GLN B 126 11.79 -24.83 -12.17
CA GLN B 126 11.78 -26.13 -11.57
C GLN B 126 13.00 -26.26 -10.66
N ALA B 127 12.76 -26.47 -9.38
CA ALA B 127 13.83 -26.64 -8.46
C ALA B 127 14.62 -27.89 -8.89
N TYR B 128 15.93 -27.77 -9.02
CA TYR B 128 16.75 -28.91 -9.40
C TYR B 128 16.56 -30.14 -8.56
N GLU B 129 16.44 -29.97 -7.25
CA GLU B 129 16.29 -31.17 -6.44
C GLU B 129 15.00 -31.90 -6.73
N THR B 130 14.01 -31.19 -7.30
CA THR B 130 12.74 -31.85 -7.61
C THR B 130 12.85 -32.74 -8.84
N TYR B 131 13.99 -32.77 -9.52
CA TYR B 131 14.12 -33.75 -10.61
C TYR B 131 14.35 -35.13 -10.04
N LYS B 132 14.58 -35.21 -8.73
CA LYS B 132 14.74 -36.47 -8.01
C LYS B 132 13.57 -36.74 -7.07
N PRO B 133 13.29 -38.03 -6.76
CA PRO B 133 12.28 -38.36 -5.72
C PRO B 133 12.63 -37.77 -4.38
N GLU B 134 11.61 -37.48 -3.55
CA GLU B 134 11.74 -36.80 -2.24
C GLU B 134 12.83 -37.35 -1.37
N ASP B 135 12.97 -38.66 -1.32
CA ASP B 135 13.93 -39.26 -0.41
C ASP B 135 15.39 -39.21 -0.90
N GLN B 136 15.63 -38.62 -2.07
CA GLN B 136 16.96 -38.45 -2.63
C GLN B 136 17.39 -37.00 -2.69
N ARG B 137 16.57 -36.12 -2.12
CA ARG B 137 16.80 -34.69 -2.21
C ARG B 137 17.72 -34.20 -1.09
N TYR B 138 18.61 -33.29 -1.47
CA TYR B 138 19.52 -32.59 -0.57
C TYR B 138 20.35 -33.54 0.27
MG MG C . 4.60 6.02 -6.38
C1 GOL D . -3.97 29.16 -1.99
O1 GOL D . -4.66 28.92 -3.19
C2 GOL D . -3.22 27.90 -1.60
O2 GOL D . -3.55 26.84 -2.45
C3 GOL D . -3.47 27.53 -0.13
O3 GOL D . -2.79 28.44 0.70
CL CL E . 0.80 -24.42 -23.32
C1 GOL F . -0.40 -17.93 -5.08
O1 GOL F . 0.75 -18.00 -4.27
C2 GOL F . -0.86 -19.36 -5.40
O2 GOL F . -0.15 -19.90 -6.52
C3 GOL F . -2.35 -19.46 -5.67
O3 GOL F . -2.81 -18.33 -6.39
C1 GOL G . 20.37 -22.24 -10.92
O1 GOL G . 21.37 -23.11 -10.30
C2 GOL G . 20.15 -20.82 -10.30
O2 GOL G . 19.01 -20.65 -9.40
C3 GOL G . 19.94 -19.99 -11.58
O3 GOL G . 19.41 -18.70 -11.40
#